data_5NR4
#
_entry.id   5NR4
#
_cell.length_a   66.083
_cell.length_b   47.116
_cell.length_c   74.152
_cell.angle_alpha   90.00
_cell.angle_beta   115.83
_cell.angle_gamma   90.00
#
_symmetry.space_group_name_H-M   'P 1 21 1'
#
loop_
_entity.id
_entity.type
_entity.pdbx_description
1 polymer 'CLIP-associating protein 2'
2 water water
#
_entity_poly.entity_id   1
_entity_poly.type   'polypeptide(L)'
_entity_poly.pdbx_seq_one_letter_code
;GPMEPRSMEYFCAQVQQKDVGGRLQVGQELLLYLGAPGAISDLEEDLGRLGKTVDALTGWVGSSNYRVSLMGLEILSAFV
DRLSTRFKSYVAMVIVALIDRMGDAKDKVRDEAQTLILKLMDQVAPPMYIWEQLASGFKHKNFRSREGVCLCLIETLNIF
GAQPLVISKLIPHLCILFGDSNSQVRDAAILAIVEIYRHVGEKVRMDLYKRGIPPARLEMIFAKFDEVQS
;
_entity_poly.pdbx_strand_id   A,B
#
# COMPACT_ATOMS: atom_id res chain seq x y z
N ARG A 6 31.11 5.00 14.10
CA ARG A 6 30.62 4.41 12.86
C ARG A 6 30.31 5.52 11.86
N SER A 7 30.27 5.19 10.57
CA SER A 7 30.24 6.23 9.55
C SER A 7 29.16 6.03 8.51
N MET A 8 29.11 6.95 7.56
CA MET A 8 28.13 6.91 6.48
C MET A 8 28.30 5.68 5.59
N GLU A 9 29.55 5.31 5.34
CA GLU A 9 29.86 4.10 4.58
C GLU A 9 29.23 2.90 5.26
N TYR A 10 29.35 2.90 6.58
CA TYR A 10 28.75 1.86 7.40
C TYR A 10 27.21 1.86 7.26
N PHE A 11 26.57 2.99 7.52
CA PHE A 11 25.10 3.04 7.46
C PHE A 11 24.55 2.79 6.07
N CYS A 12 25.25 3.27 5.05
CA CYS A 12 24.85 3.02 3.67
C CYS A 12 24.72 1.52 3.38
N ALA A 13 25.68 0.76 3.88
CA ALA A 13 25.67 -0.69 3.70
C ALA A 13 24.57 -1.33 4.54
N GLN A 14 24.46 -0.91 5.78
CA GLN A 14 23.50 -1.52 6.70
C GLN A 14 22.05 -1.33 6.28
N VAL A 15 21.70 -0.16 5.74
CA VAL A 15 20.30 0.09 5.43
C VAL A 15 19.89 -0.66 4.17
N GLN A 16 20.86 -1.20 3.46
CA GLN A 16 20.56 -1.92 2.22
C GLN A 16 20.56 -3.43 2.41
N GLN A 17 20.63 -3.88 3.66
CA GLN A 17 20.67 -5.31 3.94
C GLN A 17 19.44 -6.05 3.46
N LYS A 18 19.68 -7.22 2.85
CA LYS A 18 18.64 -8.10 2.36
C LYS A 18 17.80 -8.62 3.52
N ASP A 19 18.44 -8.73 4.67
CA ASP A 19 17.76 -9.22 5.86
C ASP A 19 17.02 -8.06 6.50
N VAL A 20 15.76 -7.91 6.11
CA VAL A 20 14.89 -6.86 6.60
C VAL A 20 14.66 -7.00 8.10
N GLY A 21 14.61 -8.24 8.57
CA GLY A 21 14.39 -8.51 9.98
C GLY A 21 15.22 -7.67 10.94
N GLY A 22 16.38 -7.21 10.47
CA GLY A 22 17.28 -6.39 11.27
C GLY A 22 17.17 -4.89 11.06
N ARG A 23 16.17 -4.46 10.29
CA ARG A 23 16.00 -3.03 10.01
C ARG A 23 15.75 -2.18 11.24
N LEU A 24 14.94 -2.67 12.17
CA LEU A 24 14.65 -1.89 13.37
C LEU A 24 15.91 -1.64 14.18
N GLN A 25 16.76 -2.66 14.32
CA GLN A 25 18.00 -2.50 15.05
C GLN A 25 18.94 -1.52 14.33
N VAL A 26 19.04 -1.66 13.02
CA VAL A 26 19.89 -0.78 12.22
C VAL A 26 19.37 0.66 12.28
N GLY A 27 18.06 0.80 12.18
CA GLY A 27 17.42 2.10 12.20
C GLY A 27 17.61 2.83 13.51
N GLN A 28 17.51 2.09 14.62
CA GLN A 28 17.67 2.71 15.92
C GLN A 28 19.07 3.29 16.06
N GLU A 29 20.06 2.55 15.56
CA GLU A 29 21.44 3.02 15.63
C GLU A 29 21.63 4.28 14.78
N LEU A 30 21.02 4.29 13.60
CA LEU A 30 21.12 5.44 12.72
C LEU A 30 20.46 6.66 13.35
N LEU A 31 19.34 6.44 14.02
CA LEU A 31 18.61 7.54 14.66
C LEU A 31 19.47 8.17 15.75
N LEU A 32 20.15 7.35 16.54
CA LEU A 32 21.01 7.86 17.59
C LEU A 32 22.13 8.67 16.95
N TYR A 33 22.65 8.14 15.85
CA TYR A 33 23.74 8.78 15.12
C TYR A 33 23.31 10.14 14.57
N LEU A 34 22.12 10.19 14.00
CA LEU A 34 21.58 11.44 13.45
C LEU A 34 21.35 12.47 14.54
N GLY A 35 20.86 12.00 15.68
CA GLY A 35 20.58 12.85 16.81
C GLY A 35 21.83 13.53 17.35
N ALA A 36 22.93 12.79 17.37
CA ALA A 36 24.19 13.31 17.85
C ALA A 36 24.52 14.66 17.22
N ASP A 42 31.74 11.48 7.40
CA ASP A 42 30.69 12.45 7.66
C ASP A 42 29.43 12.15 6.85
N LEU A 43 28.29 12.59 7.37
CA LEU A 43 26.99 12.48 6.71
C LEU A 43 27.09 12.88 5.26
N GLU A 44 27.73 14.02 5.02
CA GLU A 44 27.77 14.61 3.70
C GLU A 44 29.14 14.52 3.02
N GLU A 45 30.02 13.69 3.54
CA GLU A 45 31.36 13.63 2.95
C GLU A 45 31.37 12.96 1.58
N ASP A 46 30.40 12.08 1.35
CA ASP A 46 30.24 11.47 0.03
C ASP A 46 28.79 11.64 -0.38
N LEU A 47 28.56 12.49 -1.37
CA LEU A 47 27.20 12.80 -1.79
C LEU A 47 26.51 11.59 -2.43
N GLY A 48 27.27 10.77 -3.14
CA GLY A 48 26.72 9.56 -3.73
C GLY A 48 26.20 8.62 -2.67
N ARG A 49 27.01 8.41 -1.64
CA ARG A 49 26.66 7.50 -0.56
C ARG A 49 25.47 8.03 0.23
N LEU A 50 25.44 9.34 0.43
CA LEU A 50 24.30 9.95 1.11
C LEU A 50 23.04 9.68 0.30
N GLY A 51 23.12 9.85 -1.02
CA GLY A 51 21.97 9.61 -1.88
C GLY A 51 21.49 8.16 -1.85
N LYS A 52 22.42 7.22 -1.87
CA LYS A 52 22.07 5.81 -1.81
C LYS A 52 21.42 5.45 -0.47
N THR A 53 21.85 6.11 0.58
CA THR A 53 21.28 5.87 1.91
C THR A 53 19.85 6.37 1.97
N VAL A 54 19.64 7.60 1.52
CA VAL A 54 18.29 8.16 1.47
C VAL A 54 17.39 7.31 0.56
N ASP A 55 17.91 6.90 -0.59
CA ASP A 55 17.20 6.02 -1.51
C ASP A 55 16.70 4.78 -0.78
N ALA A 56 17.60 4.14 -0.06
CA ALA A 56 17.26 2.90 0.61
C ALA A 56 16.18 3.13 1.67
N LEU A 57 16.33 4.21 2.45
CA LEU A 57 15.38 4.50 3.49
C LEU A 57 14.02 4.82 2.91
N THR A 58 14.01 5.43 1.74
CA THR A 58 12.76 5.68 1.07
C THR A 58 12.06 4.34 0.75
N GLY A 59 12.84 3.30 0.45
CA GLY A 59 12.31 1.95 0.35
C GLY A 59 11.70 1.42 1.64
N TRP A 60 12.39 1.65 2.76
CA TRP A 60 11.84 1.27 4.07
C TRP A 60 10.46 1.89 4.31
N VAL A 61 10.27 3.12 3.85
CA VAL A 61 8.99 3.80 4.04
C VAL A 61 7.86 2.98 3.40
N GLY A 62 8.21 2.27 2.33
CA GLY A 62 7.31 1.40 1.60
C GLY A 62 6.80 0.19 2.37
N SER A 63 7.66 -0.36 3.22
CA SER A 63 7.35 -1.54 4.02
C SER A 63 5.92 -1.65 4.59
N SER A 64 5.39 -2.86 4.52
CA SER A 64 4.07 -3.18 5.08
C SER A 64 4.11 -3.36 6.59
N ASN A 65 5.32 -3.44 7.13
CA ASN A 65 5.50 -3.50 8.57
C ASN A 65 5.50 -2.07 9.09
N TYR A 66 4.45 -1.70 9.82
CA TYR A 66 4.31 -0.32 10.25
C TYR A 66 5.48 0.16 11.09
N ARG A 67 6.12 -0.75 11.83
CA ARG A 67 7.26 -0.36 12.65
C ARG A 67 8.42 0.09 11.77
N VAL A 68 8.63 -0.60 10.66
CA VAL A 68 9.67 -0.25 9.70
C VAL A 68 9.32 1.02 8.91
N SER A 69 8.07 1.17 8.48
CA SER A 69 7.69 2.37 7.75
C SER A 69 7.83 3.59 8.66
N LEU A 70 7.34 3.48 9.89
CA LEU A 70 7.48 4.58 10.84
C LEU A 70 8.95 4.91 11.11
N MET A 71 9.74 3.84 11.19
CA MET A 71 11.22 4.10 11.46
CA MET A 71 11.19 4.04 11.31
C MET A 71 12.06 4.80 10.21
N GLY A 72 11.48 4.39 9.06
CA GLY A 72 11.99 5.05 7.87
C GLY A 72 11.56 6.49 7.83
N LEU A 73 10.32 6.77 8.22
CA LEU A 73 9.82 8.14 8.25
C LEU A 73 10.60 8.96 9.27
N GLU A 74 10.84 8.39 10.45
CA GLU A 74 11.61 9.08 11.48
C GLU A 74 13.02 9.39 11.03
N ILE A 75 13.64 8.45 10.34
CA ILE A 75 15.02 8.65 9.89
C ILE A 75 15.08 9.70 8.79
N LEU A 76 14.15 9.65 7.85
CA LEU A 76 14.12 10.67 6.83
C LEU A 76 13.89 12.05 7.44
N SER A 77 13.01 12.12 8.44
CA SER A 77 12.72 13.36 9.13
C SER A 77 13.98 13.92 9.78
N ALA A 78 14.78 13.03 10.37
CA ALA A 78 16.05 13.43 10.97
C ALA A 78 17.04 13.88 9.90
N PHE A 79 17.05 13.23 8.75
CA PHE A 79 17.89 13.70 7.64
C PHE A 79 17.46 15.10 7.22
N VAL A 80 16.16 15.35 7.18
CA VAL A 80 15.67 16.69 6.85
C VAL A 80 16.16 17.72 7.88
N ASP A 81 16.08 17.37 9.15
CA ASP A 81 16.59 18.24 10.22
C ASP A 81 18.07 18.58 9.99
N ARG A 82 18.86 17.61 9.55
CA ARG A 82 20.28 17.87 9.35
C ARG A 82 20.71 18.41 8.00
N LEU A 83 19.86 18.29 6.99
CA LEU A 83 20.23 18.70 5.65
C LEU A 83 19.52 19.94 5.13
N SER A 84 18.34 20.23 5.67
CA SER A 84 17.61 21.42 5.26
C SER A 84 17.44 21.43 3.73
N THR A 85 17.77 22.55 3.10
CA THR A 85 17.64 22.66 1.64
C THR A 85 18.53 21.70 0.85
N ARG A 86 19.56 21.14 1.48
CA ARG A 86 20.38 20.14 0.79
C ARG A 86 19.65 18.80 0.62
N PHE A 87 18.45 18.70 1.18
CA PHE A 87 17.62 17.52 0.98
C PHE A 87 16.83 17.66 -0.32
N LYS A 88 16.92 18.81 -0.98
CA LYS A 88 16.08 19.07 -2.14
C LYS A 88 16.19 18.00 -3.22
N SER A 89 17.40 17.53 -3.50
CA SER A 89 17.61 16.51 -4.53
C SER A 89 16.84 15.21 -4.28
N TYR A 90 16.42 14.97 -3.03
CA TYR A 90 15.74 13.73 -2.67
C TYR A 90 14.22 13.86 -2.64
N VAL A 91 13.73 15.08 -2.82
CA VAL A 91 12.30 15.36 -2.70
C VAL A 91 11.46 14.53 -3.65
N ALA A 92 11.91 14.43 -4.90
CA ALA A 92 11.11 13.73 -5.91
C ALA A 92 10.78 12.32 -5.45
N MET A 93 11.79 11.57 -5.08
CA MET A 93 11.54 10.18 -4.72
C MET A 93 10.87 10.04 -3.36
N VAL A 94 11.21 10.92 -2.42
CA VAL A 94 10.54 10.89 -1.13
C VAL A 94 9.05 11.19 -1.27
N ILE A 95 8.69 12.18 -2.09
CA ILE A 95 7.27 12.49 -2.25
C ILE A 95 6.47 11.32 -2.84
N VAL A 96 7.06 10.59 -3.78
CA VAL A 96 6.37 9.44 -4.33
C VAL A 96 6.06 8.44 -3.20
N ALA A 97 7.06 8.17 -2.37
CA ALA A 97 6.90 7.25 -1.26
C ALA A 97 5.87 7.74 -0.26
N LEU A 98 5.90 9.03 0.02
CA LEU A 98 4.96 9.65 0.97
C LEU A 98 3.51 9.57 0.49
N ILE A 99 3.30 9.76 -0.81
CA ILE A 99 1.96 9.68 -1.35
C ILE A 99 1.43 8.26 -1.10
N ASP A 100 2.27 7.26 -1.32
CA ASP A 100 1.87 5.88 -1.10
C ASP A 100 1.55 5.65 0.37
N ARG A 101 2.43 6.18 1.23
CA ARG A 101 2.31 6.02 2.67
C ARG A 101 1.05 6.66 3.25
N MET A 102 0.58 7.73 2.62
CA MET A 102 -0.63 8.41 3.08
C MET A 102 -1.82 7.50 2.82
N GLY A 103 -1.60 6.46 2.02
CA GLY A 103 -2.61 5.46 1.72
C GLY A 103 -2.54 4.24 2.63
N ASP A 104 -1.62 4.26 3.57
CA ASP A 104 -1.44 3.15 4.50
C ASP A 104 -2.71 2.84 5.30
N ALA A 105 -2.91 1.57 5.65
CA ALA A 105 -4.06 1.18 6.44
C ALA A 105 -4.00 1.73 7.87
N LYS A 106 -2.80 2.03 8.36
CA LYS A 106 -2.65 2.44 9.76
C LYS A 106 -2.65 3.96 9.92
N ASP A 107 -3.53 4.45 10.79
CA ASP A 107 -3.70 5.88 11.04
C ASP A 107 -2.39 6.62 11.34
N LYS A 108 -1.63 6.13 12.31
CA LYS A 108 -0.38 6.77 12.69
C LYS A 108 0.61 6.90 11.53
N VAL A 109 0.64 5.89 10.68
CA VAL A 109 1.53 5.88 9.53
C VAL A 109 1.11 6.98 8.55
N ARG A 110 -0.19 7.05 8.27
CA ARG A 110 -0.70 8.07 7.36
C ARG A 110 -0.37 9.45 7.91
N ASP A 111 -0.55 9.61 9.22
CA ASP A 111 -0.30 10.89 9.87
C ASP A 111 1.18 11.29 9.79
N GLU A 112 2.07 10.37 10.09
CA GLU A 112 3.50 10.67 10.01
C GLU A 112 3.96 10.96 8.58
N ALA A 113 3.31 10.33 7.61
CA ALA A 113 3.64 10.59 6.21
C ALA A 113 3.25 12.05 5.89
N GLN A 114 2.05 12.44 6.30
CA GLN A 114 1.58 13.80 6.07
C GLN A 114 2.47 14.82 6.77
N THR A 115 2.85 14.51 8.01
CA THR A 115 3.72 15.40 8.78
C THR A 115 5.06 15.61 8.08
N LEU A 116 5.63 14.57 7.51
CA LEU A 116 6.92 14.72 6.82
C LEU A 116 6.75 15.55 5.54
N ILE A 117 5.64 15.36 4.84
CA ILE A 117 5.38 16.13 3.62
C ILE A 117 5.37 17.62 3.98
N LEU A 118 4.67 17.96 5.05
CA LEU A 118 4.57 19.36 5.49
C LEU A 118 5.93 19.89 5.91
N LYS A 119 6.73 19.03 6.54
CA LYS A 119 8.07 19.41 6.97
C LYS A 119 8.95 19.77 5.77
N LEU A 120 8.76 19.08 4.65
CA LEU A 120 9.51 19.39 3.44
C LEU A 120 9.19 20.79 2.96
N MET A 121 7.93 21.20 3.09
CA MET A 121 7.52 22.53 2.66
C MET A 121 8.07 23.60 3.60
N ASP A 122 8.34 23.21 4.84
CA ASP A 122 8.83 24.16 5.83
C ASP A 122 10.34 24.32 5.78
N GLN A 123 11.06 23.24 5.47
CA GLN A 123 12.50 23.18 5.69
C GLN A 123 13.36 22.87 4.45
N VAL A 124 12.76 22.34 3.39
CA VAL A 124 13.55 21.86 2.28
C VAL A 124 13.39 22.70 1.01
N ALA A 125 12.16 23.01 0.63
CA ALA A 125 11.90 23.76 -0.58
C ALA A 125 10.56 24.46 -0.40
N PRO A 126 10.28 25.48 -1.22
CA PRO A 126 9.04 26.23 -1.04
C PRO A 126 7.83 25.33 -1.20
N PRO A 127 6.72 25.69 -0.55
CA PRO A 127 5.52 24.86 -0.63
C PRO A 127 5.13 24.54 -2.07
N MET A 128 5.25 25.48 -3.01
CA MET A 128 4.81 25.17 -4.37
C MET A 128 5.74 24.21 -5.09
N TYR A 129 7.03 24.23 -4.75
CA TYR A 129 7.94 23.24 -5.32
C TYR A 129 7.50 21.84 -4.90
N ILE A 130 7.14 21.69 -3.62
CA ILE A 130 6.67 20.39 -3.14
C ILE A 130 5.36 20.04 -3.83
N TRP A 131 4.45 21.00 -3.92
CA TRP A 131 3.15 20.75 -4.55
C TRP A 131 3.21 20.36 -6.02
N GLU A 132 4.22 20.82 -6.73
CA GLU A 132 4.38 20.46 -8.13
C GLU A 132 4.52 18.94 -8.26
N GLN A 133 5.15 18.32 -7.26
CA GLN A 133 5.33 16.87 -7.22
C GLN A 133 4.14 16.19 -6.52
N LEU A 134 3.74 16.76 -5.40
CA LEU A 134 2.66 16.19 -4.59
C LEU A 134 1.32 16.10 -5.30
N ALA A 135 1.04 17.03 -6.20
CA ALA A 135 -0.24 17.03 -6.91
C ALA A 135 -0.45 15.77 -7.75
N SER A 136 0.62 15.06 -8.09
CA SER A 136 0.47 13.75 -8.77
C SER A 136 -0.32 12.75 -7.93
N GLY A 137 -0.30 12.94 -6.62
CA GLY A 137 -1.01 12.05 -5.72
C GLY A 137 -2.52 12.15 -5.79
N PHE A 138 -3.04 13.24 -6.33
CA PHE A 138 -4.50 13.38 -6.42
C PHE A 138 -5.13 12.27 -7.26
N LYS A 139 -4.36 11.69 -8.19
CA LYS A 139 -4.88 10.63 -9.07
C LYS A 139 -4.41 9.22 -8.70
N HIS A 140 -3.73 9.09 -7.57
CA HIS A 140 -3.24 7.80 -7.08
C HIS A 140 -4.38 6.82 -6.90
N LYS A 141 -4.15 5.55 -7.24
CA LYS A 141 -5.21 4.54 -7.12
C LYS A 141 -5.28 3.83 -5.77
N ASN A 142 -5.04 4.60 -4.73
CA ASN A 142 -5.40 4.23 -3.36
C ASN A 142 -6.27 5.36 -2.86
N PHE A 143 -7.52 5.07 -2.52
CA PHE A 143 -8.42 6.15 -2.15
C PHE A 143 -7.96 6.89 -0.89
N ARG A 144 -7.31 6.18 0.02
CA ARG A 144 -6.74 6.84 1.18
C ARG A 144 -5.64 7.82 0.82
N SER A 145 -4.87 7.52 -0.22
CA SER A 145 -3.84 8.44 -0.68
C SER A 145 -4.49 9.71 -1.25
N ARG A 146 -5.54 9.52 -2.06
CA ARG A 146 -6.23 10.66 -2.66
C ARG A 146 -6.80 11.56 -1.56
N GLU A 147 -7.41 10.96 -0.56
CA GLU A 147 -7.96 11.74 0.54
C GLU A 147 -6.82 12.46 1.25
N GLY A 148 -5.70 11.77 1.44
CA GLY A 148 -4.55 12.33 2.12
C GLY A 148 -3.98 13.55 1.44
N VAL A 149 -3.92 13.53 0.11
CA VAL A 149 -3.40 14.68 -0.61
C VAL A 149 -4.32 15.89 -0.35
N CYS A 150 -5.62 15.65 -0.34
CA CYS A 150 -6.56 16.73 -0.07
C CYS A 150 -6.33 17.28 1.33
N LEU A 151 -6.16 16.37 2.29
CA LEU A 151 -5.92 16.76 3.68
C LEU A 151 -4.60 17.51 3.78
N CYS A 152 -3.67 17.09 2.94
CA CYS A 152 -2.38 17.94 2.96
CA CYS A 152 -2.46 17.93 2.87
C CYS A 152 -2.51 19.48 2.50
N LEU A 153 -3.35 19.56 1.47
CA LEU A 153 -3.66 20.89 0.96
C LEU A 153 -4.32 21.74 2.03
N ILE A 154 -5.25 21.15 2.78
CA ILE A 154 -5.93 21.89 3.84
C ILE A 154 -4.91 22.31 4.90
N GLU A 155 -4.04 21.39 5.28
CA GLU A 155 -3.01 21.67 6.27
C GLU A 155 -2.02 22.71 5.77
N THR A 156 -1.71 22.65 4.47
CA THR A 156 -0.77 23.61 3.89
C THR A 156 -1.33 25.01 4.05
N LEU A 157 -2.63 25.15 3.81
CA LEU A 157 -3.28 26.45 3.96
C LEU A 157 -3.30 26.85 5.43
N ASN A 158 -3.53 25.89 6.31
CA ASN A 158 -3.59 26.17 7.75
C ASN A 158 -2.24 26.58 8.31
N ILE A 159 -1.14 26.11 7.73
CA ILE A 159 0.18 26.36 8.30
C ILE A 159 0.91 27.47 7.56
N PHE A 160 0.94 27.37 6.23
CA PHE A 160 1.66 28.33 5.40
C PHE A 160 0.83 29.40 4.70
N GLY A 161 -0.48 29.20 4.63
CA GLY A 161 -1.35 30.15 3.97
C GLY A 161 -1.39 29.91 2.47
N ALA A 162 -2.15 30.72 1.76
CA ALA A 162 -2.28 30.59 0.30
C ALA A 162 -1.30 31.39 -0.56
N GLN A 163 -0.59 32.34 0.04
CA GLN A 163 0.34 33.18 -0.74
C GLN A 163 1.46 32.38 -1.39
N PRO A 164 1.98 31.34 -0.64
CA PRO A 164 3.07 30.60 -1.31
C PRO A 164 2.63 29.73 -2.50
N LEU A 165 1.34 29.49 -2.65
CA LEU A 165 0.87 28.63 -3.74
C LEU A 165 0.20 29.29 -4.94
N VAL A 166 0.30 28.61 -6.08
CA VAL A 166 -0.41 29.01 -7.29
C VAL A 166 -1.70 28.21 -7.31
N ILE A 167 -2.74 28.84 -6.76
CA ILE A 167 -4.02 28.18 -6.51
C ILE A 167 -4.63 27.57 -7.79
N SER A 168 -4.41 28.24 -8.92
CA SER A 168 -5.00 27.81 -10.17
C SER A 168 -4.46 26.46 -10.64
N LYS A 169 -3.29 26.06 -10.16
CA LYS A 169 -2.78 24.74 -10.53
C LYS A 169 -3.35 23.63 -9.66
N LEU A 170 -3.89 23.97 -8.50
CA LEU A 170 -4.41 22.96 -7.59
C LEU A 170 -5.90 22.70 -7.78
N ILE A 171 -6.64 23.77 -8.07
CA ILE A 171 -8.10 23.64 -8.28
C ILE A 171 -8.56 22.55 -9.26
N PRO A 172 -7.93 22.43 -10.44
CA PRO A 172 -8.45 21.39 -11.36
C PRO A 172 -8.38 19.98 -10.79
N HIS A 173 -7.42 19.71 -9.91
CA HIS A 173 -7.34 18.38 -9.31
C HIS A 173 -8.53 18.16 -8.39
N LEU A 174 -8.86 19.17 -7.60
CA LEU A 174 -10.02 19.07 -6.71
C LEU A 174 -11.30 18.85 -7.51
N CYS A 175 -11.40 19.50 -8.66
CA CYS A 175 -12.58 19.35 -9.49
C CYS A 175 -12.82 17.90 -9.89
N ILE A 176 -11.75 17.19 -10.21
CA ILE A 176 -11.87 15.78 -10.56
C ILE A 176 -12.36 15.00 -9.32
N LEU A 177 -11.78 15.30 -8.16
CA LEU A 177 -12.11 14.56 -6.94
C LEU A 177 -13.51 14.81 -6.40
N PHE A 178 -14.18 15.87 -6.85
CA PHE A 178 -15.59 16.02 -6.49
C PHE A 178 -16.40 14.80 -7.01
N GLY A 179 -15.92 14.16 -8.06
CA GLY A 179 -16.58 13.00 -8.62
C GLY A 179 -16.04 11.66 -8.13
N ASP A 180 -15.24 11.66 -7.07
CA ASP A 180 -14.63 10.43 -6.59
C ASP A 180 -15.64 9.36 -6.21
N SER A 181 -15.21 8.12 -6.34
CA SER A 181 -15.99 6.94 -5.95
C SER A 181 -16.19 6.80 -4.43
N ASN A 182 -15.47 7.59 -3.61
CA ASN A 182 -15.56 7.51 -2.15
C ASN A 182 -16.04 8.81 -1.55
N SER A 183 -17.05 8.72 -0.69
CA SER A 183 -17.52 9.91 0.00
C SER A 183 -16.42 10.61 0.80
N GLN A 184 -15.50 9.86 1.39
CA GLN A 184 -14.51 10.53 2.22
C GLN A 184 -13.54 11.34 1.36
N VAL A 185 -13.29 10.88 0.13
CA VAL A 185 -12.44 11.64 -0.77
C VAL A 185 -13.17 12.87 -1.27
N ARG A 186 -14.41 12.71 -1.71
CA ARG A 186 -15.20 13.87 -2.14
C ARG A 186 -15.30 14.91 -1.02
N ASP A 187 -15.55 14.45 0.20
CA ASP A 187 -15.73 15.37 1.30
C ASP A 187 -14.45 16.12 1.62
N ALA A 188 -13.31 15.44 1.55
CA ALA A 188 -12.03 16.12 1.76
C ALA A 188 -11.73 17.13 0.65
N ALA A 189 -12.05 16.79 -0.59
CA ALA A 189 -11.86 17.73 -1.69
C ALA A 189 -12.74 18.96 -1.52
N ILE A 190 -13.96 18.74 -1.05
CA ILE A 190 -14.86 19.87 -0.76
C ILE A 190 -14.32 20.72 0.36
N LEU A 191 -13.87 20.10 1.45
CA LEU A 191 -13.24 20.89 2.51
C LEU A 191 -12.08 21.70 1.94
N ALA A 192 -11.29 21.09 1.06
CA ALA A 192 -10.15 21.81 0.52
C ALA A 192 -10.57 23.02 -0.32
N ILE A 193 -11.57 22.86 -1.18
CA ILE A 193 -11.95 23.99 -2.02
C ILE A 193 -12.57 25.12 -1.17
N VAL A 194 -13.33 24.75 -0.15
CA VAL A 194 -13.92 25.76 0.72
C VAL A 194 -12.83 26.46 1.53
N GLU A 195 -11.78 25.75 1.93
CA GLU A 195 -10.69 26.40 2.64
C GLU A 195 -9.91 27.34 1.71
N ILE A 196 -9.73 26.96 0.45
CA ILE A 196 -9.18 27.89 -0.53
C ILE A 196 -10.03 29.16 -0.61
N TYR A 197 -11.33 28.98 -0.72
CA TYR A 197 -12.27 30.11 -0.71
C TYR A 197 -12.08 31.03 0.52
N ARG A 198 -11.92 30.44 1.71
CA ARG A 198 -11.67 31.23 2.91
C ARG A 198 -10.46 32.13 2.78
N HIS A 199 -9.40 31.62 2.15
CA HIS A 199 -8.16 32.35 2.00
C HIS A 199 -8.11 33.32 0.84
N VAL A 200 -8.79 33.00 -0.25
CA VAL A 200 -8.68 33.76 -1.48
C VAL A 200 -9.87 34.67 -1.75
N GLY A 201 -11.08 34.20 -1.45
CA GLY A 201 -12.26 35.02 -1.63
C GLY A 201 -13.04 34.73 -2.90
N GLU A 202 -13.82 35.73 -3.32
CA GLU A 202 -14.83 35.50 -4.35
C GLU A 202 -14.27 35.11 -5.70
N LYS A 203 -13.01 35.44 -5.98
CA LYS A 203 -12.43 35.06 -7.26
C LYS A 203 -12.39 33.53 -7.42
N VAL A 204 -12.49 32.78 -6.34
CA VAL A 204 -12.56 31.33 -6.46
C VAL A 204 -13.87 30.89 -7.13
N ARG A 205 -14.98 31.59 -6.87
CA ARG A 205 -16.21 31.30 -7.62
C ARG A 205 -16.04 31.58 -9.11
N MET A 206 -15.43 32.71 -9.44
CA MET A 206 -15.18 33.04 -10.82
C MET A 206 -14.40 31.94 -11.51
N ASP A 207 -13.37 31.44 -10.85
CA ASP A 207 -12.53 30.37 -11.39
C ASP A 207 -13.36 29.10 -11.62
N LEU A 208 -14.16 28.76 -10.63
CA LEU A 208 -14.89 27.50 -10.67
C LEU A 208 -15.94 27.44 -11.76
N TYR A 209 -16.36 28.57 -12.31
CA TYR A 209 -17.27 28.56 -13.45
C TYR A 209 -16.58 28.18 -14.76
N LYS A 210 -15.26 28.12 -14.75
CA LYS A 210 -14.49 27.86 -15.96
C LYS A 210 -13.81 26.50 -15.93
N ARG A 211 -14.33 25.58 -15.13
CA ARG A 211 -13.64 24.31 -14.88
C ARG A 211 -14.40 23.10 -15.44
N GLY A 212 -15.49 23.34 -16.15
CA GLY A 212 -16.26 22.28 -16.77
C GLY A 212 -17.09 21.48 -15.79
N ILE A 213 -17.30 21.99 -14.58
CA ILE A 213 -18.03 21.26 -13.55
C ILE A 213 -19.53 21.18 -13.90
N PRO A 214 -20.15 20.00 -13.75
CA PRO A 214 -21.58 19.92 -14.10
C PRO A 214 -22.40 20.85 -13.22
N PRO A 215 -23.46 21.45 -13.78
CA PRO A 215 -24.21 22.48 -13.04
C PRO A 215 -24.72 22.05 -11.68
N ALA A 216 -25.31 20.88 -11.52
CA ALA A 216 -25.87 20.51 -10.23
C ALA A 216 -24.78 20.37 -9.17
N ARG A 217 -23.64 19.85 -9.59
CA ARG A 217 -22.50 19.76 -8.69
C ARG A 217 -21.96 21.13 -8.32
N LEU A 218 -21.87 22.02 -9.29
CA LEU A 218 -21.36 23.36 -9.02
C LEU A 218 -22.29 24.10 -8.06
N GLU A 219 -23.60 23.96 -8.25
CA GLU A 219 -24.57 24.55 -7.32
C GLU A 219 -24.33 24.04 -5.92
N MET A 220 -24.07 22.75 -5.78
CA MET A 220 -23.78 22.17 -4.48
C MET A 220 -22.51 22.78 -3.86
N ILE A 221 -21.47 22.95 -4.66
CA ILE A 221 -20.23 23.53 -4.15
C ILE A 221 -20.46 24.96 -3.70
N PHE A 222 -21.18 25.74 -4.48
CA PHE A 222 -21.46 27.10 -4.08
C PHE A 222 -22.39 27.17 -2.85
N ALA A 223 -23.25 26.18 -2.62
CA ALA A 223 -24.01 26.13 -1.38
C ALA A 223 -23.05 25.96 -0.19
N LYS A 224 -22.03 25.11 -0.36
CA LYS A 224 -21.00 24.96 0.66
C LYS A 224 -20.29 26.29 0.92
N PHE A 225 -19.99 27.03 -0.14
CA PHE A 225 -19.37 28.34 -0.01
C PHE A 225 -20.29 29.29 0.77
N ASP A 226 -21.59 29.25 0.48
CA ASP A 226 -22.52 30.12 1.16
C ASP A 226 -22.56 29.81 2.65
N GLU A 227 -22.32 28.56 2.99
CA GLU A 227 -22.30 28.10 4.38
C GLU A 227 -20.91 28.17 5.02
N VAL A 228 -20.00 28.91 4.41
CA VAL A 228 -18.60 28.95 4.84
C VAL A 228 -18.39 29.22 6.34
N GLN A 229 -19.25 30.07 6.92
CA GLN A 229 -19.24 30.30 8.37
C GLN A 229 -20.65 30.28 8.93
N SER A 230 -21.46 29.33 8.47
CA SER A 230 -22.82 29.21 8.96
C SER A 230 -23.35 27.81 8.66
N PHE B 11 21.20 -28.68 7.85
CA PHE B 11 19.75 -28.55 7.93
C PHE B 11 19.08 -29.13 6.70
N CYS B 12 19.81 -29.15 5.59
CA CYS B 12 19.26 -29.45 4.28
C CYS B 12 18.84 -30.89 4.05
N ALA B 13 19.77 -31.82 4.24
CA ALA B 13 19.44 -33.23 4.07
C ALA B 13 18.46 -33.66 5.16
N GLN B 14 18.50 -32.96 6.28
CA GLN B 14 17.64 -33.26 7.42
C GLN B 14 16.17 -32.84 7.23
N VAL B 15 15.93 -31.79 6.46
CA VAL B 15 14.54 -31.40 6.20
C VAL B 15 13.91 -32.32 5.15
N GLN B 16 14.74 -33.16 4.54
CA GLN B 16 14.28 -34.13 3.55
C GLN B 16 13.57 -35.32 4.20
N GLN B 17 13.63 -35.41 5.52
CA GLN B 17 12.92 -36.45 6.26
C GLN B 17 11.42 -36.33 6.01
N LYS B 18 10.73 -37.46 5.98
CA LYS B 18 9.28 -37.47 5.77
C LYS B 18 8.54 -37.54 7.10
N ASP B 19 9.17 -38.15 8.09
CA ASP B 19 8.49 -38.45 9.36
C ASP B 19 8.19 -37.20 10.16
N VAL B 20 7.04 -37.22 10.84
CA VAL B 20 6.59 -36.08 11.63
C VAL B 20 7.56 -35.70 12.75
N GLY B 21 8.00 -36.69 13.51
CA GLY B 21 8.84 -36.42 14.68
C GLY B 21 10.16 -35.77 14.34
N GLY B 22 10.79 -36.24 13.27
CA GLY B 22 12.07 -35.72 12.83
C GLY B 22 11.94 -34.33 12.23
N ARG B 23 10.88 -34.11 11.47
CA ARG B 23 10.62 -32.79 10.88
C ARG B 23 10.47 -31.74 11.96
N LEU B 24 9.68 -32.04 12.98
CA LEU B 24 9.47 -31.11 14.08
C LEU B 24 10.77 -30.86 14.84
N GLN B 25 11.62 -31.88 14.92
CA GLN B 25 12.88 -31.72 15.63
C GLN B 25 13.85 -30.82 14.86
N VAL B 26 14.15 -31.18 13.61
CA VAL B 26 15.08 -30.39 12.80
C VAL B 26 14.56 -28.97 12.51
N GLY B 27 13.27 -28.85 12.28
CA GLY B 27 12.69 -27.56 11.97
C GLY B 27 12.74 -26.59 13.13
N GLN B 28 12.58 -27.09 14.35
CA GLN B 28 12.71 -26.25 15.54
C GLN B 28 14.14 -25.74 15.65
N GLU B 29 15.09 -26.58 15.23
CA GLU B 29 16.50 -26.19 15.19
C GLU B 29 16.72 -25.11 14.14
N LEU B 30 16.21 -25.37 12.94
CA LEU B 30 16.34 -24.44 11.83
C LEU B 30 15.66 -23.11 12.13
N LEU B 31 14.58 -23.17 12.92
CA LEU B 31 13.89 -21.97 13.38
C LEU B 31 14.78 -21.11 14.27
N LEU B 32 15.35 -21.73 15.30
CA LEU B 32 16.21 -21.01 16.25
C LEU B 32 17.45 -20.45 15.58
N TYR B 33 17.97 -21.20 14.61
CA TYR B 33 19.11 -20.77 13.81
C TYR B 33 18.81 -19.44 13.11
N LEU B 34 17.72 -19.41 12.35
CA LEU B 34 17.31 -18.20 11.63
C LEU B 34 16.96 -17.08 12.59
N GLY B 35 16.61 -17.44 13.82
CA GLY B 35 16.25 -16.46 14.82
C GLY B 35 17.44 -15.69 15.35
N LEU B 50 20.02 -24.51 -0.49
CA LEU B 50 18.95 -23.58 -0.13
C LEU B 50 17.68 -23.89 -0.90
N GLY B 51 17.85 -24.20 -2.19
CA GLY B 51 16.72 -24.56 -3.03
C GLY B 51 16.05 -25.83 -2.55
N LYS B 52 16.86 -26.83 -2.24
CA LYS B 52 16.34 -28.12 -1.79
C LYS B 52 15.71 -28.00 -0.41
N THR B 53 16.33 -27.19 0.45
CA THR B 53 15.78 -26.93 1.77
C THR B 53 14.39 -26.33 1.60
N VAL B 54 14.32 -25.18 0.92
CA VAL B 54 13.06 -24.49 0.69
C VAL B 54 12.01 -25.39 0.01
N ASP B 55 12.40 -26.11 -1.03
CA ASP B 55 11.46 -27.00 -1.71
C ASP B 55 10.94 -28.10 -0.79
N ALA B 56 11.82 -28.65 0.05
CA ALA B 56 11.40 -29.66 1.01
C ALA B 56 10.36 -29.08 1.96
N LEU B 57 10.63 -27.87 2.44
CA LEU B 57 9.76 -27.19 3.37
C LEU B 57 8.41 -26.86 2.75
N THR B 58 8.42 -26.57 1.44
CA THR B 58 7.19 -26.32 0.71
C THR B 58 6.35 -27.59 0.76
N GLY B 59 7.03 -28.74 0.69
CA GLY B 59 6.39 -30.03 0.84
C GLY B 59 5.79 -30.19 2.22
N TRP B 60 6.52 -29.77 3.26
CA TRP B 60 5.99 -29.81 4.62
C TRP B 60 4.65 -29.09 4.73
N VAL B 61 4.51 -27.98 4.01
CA VAL B 61 3.30 -27.17 4.11
C VAL B 61 2.09 -28.01 3.67
N GLY B 62 2.34 -28.96 2.79
CA GLY B 62 1.31 -29.87 2.32
C GLY B 62 1.00 -31.05 3.23
N SER B 63 1.71 -31.16 4.37
CA SER B 63 1.46 -32.23 5.34
C SER B 63 0.04 -32.20 5.89
N SER B 64 -0.56 -33.37 6.10
CA SER B 64 -1.84 -33.45 6.78
C SER B 64 -1.69 -33.20 8.28
N ASN B 65 -0.44 -33.10 8.74
CA ASN B 65 -0.19 -32.81 10.15
C ASN B 65 -0.09 -31.30 10.35
N TYR B 66 -0.97 -30.74 11.18
CA TYR B 66 -1.00 -29.30 11.40
C TYR B 66 0.29 -28.73 12.01
N ARG B 67 0.88 -29.45 12.95
CA ARG B 67 2.11 -28.97 13.57
C ARG B 67 3.22 -28.86 12.54
N VAL B 68 3.34 -29.88 11.69
CA VAL B 68 4.34 -29.89 10.64
C VAL B 68 4.08 -28.79 9.61
N SER B 69 2.82 -28.62 9.24
CA SER B 69 2.44 -27.61 8.25
C SER B 69 2.75 -26.20 8.74
N LEU B 70 2.40 -25.91 9.99
CA LEU B 70 2.65 -24.61 10.57
C LEU B 70 4.14 -24.32 10.68
N MET B 71 4.91 -25.32 11.07
CA MET B 71 6.35 -25.15 11.20
C MET B 71 7.00 -24.87 9.86
N GLY B 72 6.55 -25.57 8.83
CA GLY B 72 7.09 -25.38 7.49
C GLY B 72 6.83 -23.95 7.06
N LEU B 73 5.64 -23.47 7.37
CA LEU B 73 5.24 -22.10 7.03
C LEU B 73 6.04 -21.08 7.84
N GLU B 74 6.10 -21.29 9.15
CA GLU B 74 6.84 -20.42 10.05
C GLU B 74 8.29 -20.24 9.61
N ILE B 75 8.94 -21.30 9.17
CA ILE B 75 10.34 -21.15 8.83
C ILE B 75 10.46 -20.54 7.44
N LEU B 76 9.50 -20.80 6.56
CA LEU B 76 9.46 -20.11 5.27
C LEU B 76 9.33 -18.60 5.55
N SER B 77 8.49 -18.24 6.50
CA SER B 77 8.31 -16.84 6.86
C SER B 77 9.61 -16.21 7.37
N ALA B 78 10.34 -16.96 8.20
CA ALA B 78 11.65 -16.52 8.69
C ALA B 78 12.64 -16.31 7.57
N PHE B 79 12.72 -17.27 6.65
CA PHE B 79 13.56 -17.13 5.47
C PHE B 79 13.20 -15.89 4.64
N VAL B 80 11.91 -15.63 4.48
CA VAL B 80 11.46 -14.46 3.74
C VAL B 80 12.02 -13.19 4.38
N ASP B 81 11.96 -13.11 5.70
CA ASP B 81 12.50 -11.95 6.40
C ASP B 81 14.01 -11.84 6.23
N ARG B 82 14.69 -12.98 6.37
CA ARG B 82 16.14 -13.02 6.21
C ARG B 82 16.64 -12.73 4.80
N LEU B 83 15.96 -13.28 3.79
CA LEU B 83 16.37 -13.10 2.41
C LEU B 83 15.69 -11.98 1.61
N SER B 84 14.46 -11.63 1.96
CA SER B 84 13.74 -10.58 1.24
C SER B 84 13.67 -10.89 -0.27
N THR B 85 14.21 -9.99 -1.08
CA THR B 85 14.19 -10.14 -2.54
C THR B 85 14.90 -11.41 -3.00
N ARG B 86 15.87 -11.88 -2.23
CA ARG B 86 16.59 -13.10 -2.59
C ARG B 86 15.70 -14.35 -2.55
N PHE B 87 14.51 -14.25 -1.99
CA PHE B 87 13.59 -15.37 -1.92
C PHE B 87 12.80 -15.54 -3.22
N LYS B 88 12.97 -14.60 -4.15
CA LYS B 88 12.16 -14.52 -5.36
C LYS B 88 11.95 -15.79 -6.19
N SER B 89 12.98 -16.59 -6.38
CA SER B 89 12.88 -17.72 -7.31
C SER B 89 11.93 -18.85 -6.87
N TYR B 90 11.50 -18.82 -5.63
CA TYR B 90 10.72 -19.94 -5.10
C TYR B 90 9.25 -19.58 -4.92
N VAL B 91 8.91 -18.36 -5.33
CA VAL B 91 7.55 -17.86 -5.19
C VAL B 91 6.53 -18.77 -5.84
N ALA B 92 6.81 -19.25 -7.05
CA ALA B 92 5.82 -20.01 -7.79
C ALA B 92 5.42 -21.28 -7.03
N MET B 93 6.40 -22.04 -6.56
CA MET B 93 6.09 -23.27 -5.85
C MET B 93 5.49 -23.00 -4.47
N VAL B 94 5.94 -21.94 -3.79
CA VAL B 94 5.40 -21.59 -2.50
C VAL B 94 3.94 -21.14 -2.63
N ILE B 95 3.66 -20.33 -3.65
CA ILE B 95 2.28 -19.90 -3.88
C ILE B 95 1.34 -21.07 -4.14
N VAL B 96 1.77 -22.07 -4.90
CA VAL B 96 0.91 -23.23 -5.11
C VAL B 96 0.54 -23.88 -3.77
N ALA B 97 1.52 -24.03 -2.89
CA ALA B 97 1.28 -24.64 -1.58
C ALA B 97 0.40 -23.77 -0.69
N LEU B 98 0.56 -22.46 -0.77
CA LEU B 98 -0.22 -21.55 0.05
C LEU B 98 -1.65 -21.44 -0.42
N ILE B 99 -1.88 -21.53 -1.73
CA ILE B 99 -3.26 -21.61 -2.21
C ILE B 99 -3.96 -22.87 -1.65
N ASP B 100 -3.25 -23.99 -1.67
CA ASP B 100 -3.81 -25.23 -1.10
C ASP B 100 -4.12 -25.03 0.39
N ARG B 101 -3.20 -24.40 1.12
CA ARG B 101 -3.42 -24.20 2.55
C ARG B 101 -4.63 -23.32 2.84
N MET B 102 -4.92 -22.37 1.96
CA MET B 102 -6.13 -21.60 2.10
C MET B 102 -7.41 -22.44 1.89
N GLY B 103 -7.26 -23.67 1.42
CA GLY B 103 -8.39 -24.56 1.31
C GLY B 103 -8.77 -25.23 2.63
N ASP B 104 -7.98 -25.01 3.68
CA ASP B 104 -8.19 -25.69 4.95
C ASP B 104 -9.48 -25.23 5.63
N ALA B 105 -10.08 -26.14 6.40
CA ALA B 105 -11.30 -25.82 7.12
C ALA B 105 -11.08 -24.88 8.31
N LYS B 106 -9.86 -24.77 8.78
CA LYS B 106 -9.55 -23.89 9.91
C LYS B 106 -9.12 -22.51 9.44
N ASP B 107 -9.88 -21.47 9.77
CA ASP B 107 -9.54 -20.12 9.31
C ASP B 107 -8.15 -19.68 9.77
N LYS B 108 -7.73 -20.10 10.95
CA LYS B 108 -6.42 -19.69 11.46
C LYS B 108 -5.30 -20.20 10.54
N VAL B 109 -5.49 -21.40 10.01
CA VAL B 109 -4.54 -22.02 9.10
C VAL B 109 -4.54 -21.28 7.76
N ARG B 110 -5.73 -21.00 7.26
CA ARG B 110 -5.87 -20.21 6.04
C ARG B 110 -5.22 -18.86 6.22
N ASP B 111 -5.44 -18.26 7.37
CA ASP B 111 -4.94 -16.91 7.60
C ASP B 111 -3.43 -16.84 7.68
N GLU B 112 -2.80 -17.88 8.22
CA GLU B 112 -1.35 -17.95 8.24
C GLU B 112 -0.79 -18.04 6.82
N ALA B 113 -1.48 -18.74 5.93
CA ALA B 113 -1.09 -18.76 4.54
C ALA B 113 -1.24 -17.37 3.94
N GLN B 114 -2.38 -16.73 4.19
CA GLN B 114 -2.63 -15.40 3.66
C GLN B 114 -1.57 -14.41 4.14
N THR B 115 -1.23 -14.48 5.42
CA THR B 115 -0.24 -13.59 5.99
C THR B 115 1.10 -13.71 5.25
N LEU B 116 1.51 -14.93 4.96
CA LEU B 116 2.76 -15.14 4.25
C LEU B 116 2.69 -14.68 2.78
N ILE B 117 1.58 -14.97 2.11
CA ILE B 117 1.34 -14.48 0.74
C ILE B 117 1.51 -12.97 0.69
N LEU B 118 0.90 -12.26 1.62
CA LEU B 118 0.96 -10.81 1.63
C LEU B 118 2.37 -10.32 1.92
N LYS B 119 3.07 -11.04 2.79
CA LYS B 119 4.46 -10.70 3.12
C LYS B 119 5.37 -10.77 1.88
N LEU B 120 5.08 -11.71 0.98
CA LEU B 120 5.86 -11.85 -0.25
C LEU B 120 5.77 -10.60 -1.12
N MET B 121 4.59 -10.00 -1.13
CA MET B 121 4.36 -8.80 -1.94
C MET B 121 5.18 -7.66 -1.40
N ASP B 122 5.38 -7.69 -0.10
CA ASP B 122 6.16 -6.69 0.63
C ASP B 122 7.66 -6.81 0.38
N GLN B 123 8.21 -8.01 0.56
CA GLN B 123 9.66 -8.13 0.66
C GLN B 123 10.32 -8.80 -0.51
N VAL B 124 9.56 -9.55 -1.28
CA VAL B 124 10.18 -10.45 -2.21
C VAL B 124 10.11 -10.03 -3.68
N ALA B 125 8.93 -9.61 -4.13
CA ALA B 125 8.72 -9.22 -5.52
C ALA B 125 7.52 -8.29 -5.54
N PRO B 126 7.35 -7.51 -6.63
CA PRO B 126 6.22 -6.58 -6.68
C PRO B 126 4.90 -7.33 -6.57
N PRO B 127 3.89 -6.67 -6.01
CA PRO B 127 2.58 -7.28 -5.82
C PRO B 127 2.08 -7.93 -7.10
N MET B 128 2.32 -7.33 -8.25
CA MET B 128 1.78 -7.94 -9.45
C MET B 128 2.48 -9.25 -9.84
N TYR B 129 3.75 -9.39 -9.51
CA TYR B 129 4.47 -10.64 -9.73
C TYR B 129 3.83 -11.76 -8.90
N ILE B 130 3.53 -11.47 -7.64
CA ILE B 130 2.86 -12.43 -6.78
C ILE B 130 1.47 -12.76 -7.35
N TRP B 131 0.75 -11.73 -7.78
CA TRP B 131 -0.61 -11.93 -8.28
C TRP B 131 -0.65 -12.71 -9.58
N GLU B 132 0.40 -12.62 -10.39
CA GLU B 132 0.46 -13.43 -11.58
C GLU B 132 0.43 -14.92 -11.24
N GLN B 133 1.06 -15.29 -10.13
CA GLN B 133 1.04 -16.67 -9.67
C GLN B 133 -0.24 -17.00 -8.92
N LEU B 134 -0.68 -16.08 -8.07
CA LEU B 134 -1.84 -16.33 -7.23
C LEU B 134 -3.14 -16.47 -8.01
N ALA B 135 -3.25 -15.78 -9.13
CA ALA B 135 -4.50 -15.76 -9.89
C ALA B 135 -4.95 -17.14 -10.35
N SER B 136 -4.02 -18.07 -10.51
CA SER B 136 -4.37 -19.45 -10.82
C SER B 136 -5.29 -20.07 -9.76
N GLY B 137 -5.15 -19.62 -8.51
CA GLY B 137 -5.96 -20.12 -7.43
C GLY B 137 -7.43 -19.76 -7.54
N PHE B 138 -7.77 -18.78 -8.38
CA PHE B 138 -9.19 -18.42 -8.55
C PHE B 138 -9.99 -19.59 -9.15
N LYS B 139 -9.29 -20.54 -9.78
CA LYS B 139 -9.94 -21.69 -10.40
C LYS B 139 -9.69 -23.00 -9.66
N HIS B 140 -9.25 -22.90 -8.42
CA HIS B 140 -8.97 -24.08 -7.61
C HIS B 140 -10.25 -24.87 -7.37
N LYS B 141 -10.14 -26.19 -7.32
CA LYS B 141 -11.30 -27.06 -7.10
C LYS B 141 -11.97 -26.84 -5.75
N ASN B 142 -11.17 -26.59 -4.72
CA ASN B 142 -11.70 -26.36 -3.39
C ASN B 142 -12.25 -24.94 -3.29
N PHE B 143 -13.53 -24.83 -2.92
CA PHE B 143 -14.15 -23.51 -2.81
C PHE B 143 -13.44 -22.63 -1.78
N ARG B 144 -12.89 -23.24 -0.74
CA ARG B 144 -12.17 -22.45 0.26
C ARG B 144 -10.90 -21.81 -0.29
N SER B 145 -10.24 -22.50 -1.22
CA SER B 145 -9.11 -21.91 -1.89
C SER B 145 -9.53 -20.75 -2.78
N ARG B 146 -10.62 -20.92 -3.53
CA ARG B 146 -11.11 -19.86 -4.41
C ARG B 146 -11.46 -18.64 -3.56
N GLU B 147 -12.21 -18.88 -2.49
CA GLU B 147 -12.58 -17.82 -1.57
C GLU B 147 -11.33 -17.19 -0.97
N GLY B 148 -10.38 -18.04 -0.60
CA GLY B 148 -9.15 -17.56 0.00
C GLY B 148 -8.40 -16.59 -0.89
N VAL B 149 -8.33 -16.91 -2.18
CA VAL B 149 -7.67 -16.00 -3.10
C VAL B 149 -8.39 -14.65 -3.19
N CYS B 150 -9.73 -14.69 -3.23
CA CYS B 150 -10.51 -13.46 -3.17
C CYS B 150 -10.20 -12.66 -1.90
N LEU B 151 -10.13 -13.36 -0.77
CA LEU B 151 -9.80 -12.71 0.50
C LEU B 151 -8.40 -12.09 0.44
N CYS B 152 -7.47 -12.77 -0.22
CA CYS B 152 -6.13 -12.22 -0.39
C CYS B 152 -6.18 -10.96 -1.22
N LEU B 153 -7.05 -10.90 -2.23
CA LEU B 153 -7.15 -9.70 -3.05
C LEU B 153 -7.71 -8.54 -2.22
N ILE B 154 -8.73 -8.81 -1.42
CA ILE B 154 -9.28 -7.78 -0.53
C ILE B 154 -8.16 -7.24 0.38
N GLU B 155 -7.37 -8.14 0.98
CA GLU B 155 -6.34 -7.70 1.87
C GLU B 155 -5.20 -7.00 1.14
N THR B 156 -4.88 -7.41 -0.09
CA THR B 156 -3.91 -6.70 -0.89
C THR B 156 -4.37 -5.26 -1.11
N LEU B 157 -5.64 -5.08 -1.48
CA LEU B 157 -6.18 -3.74 -1.67
C LEU B 157 -6.19 -2.94 -0.36
N ASN B 158 -6.47 -3.60 0.76
CA ASN B 158 -6.42 -2.93 2.05
C ASN B 158 -5.03 -2.40 2.38
N ILE B 159 -4.00 -3.13 1.98
CA ILE B 159 -2.66 -2.71 2.29
C ILE B 159 -2.01 -1.78 1.27
N PHE B 160 -2.23 -2.08 -0.01
CA PHE B 160 -1.54 -1.39 -1.08
C PHE B 160 -2.40 -0.46 -1.90
N GLY B 161 -3.71 -0.54 -1.76
CA GLY B 161 -4.58 0.02 -2.78
C GLY B 161 -4.36 -0.67 -4.11
N ALA B 162 -4.75 0.00 -5.18
CA ALA B 162 -4.70 -0.59 -6.51
C ALA B 162 -3.54 -0.09 -7.33
N GLN B 163 -2.77 0.86 -6.79
CA GLN B 163 -1.67 1.42 -7.58
C GLN B 163 -0.69 0.37 -8.14
N PRO B 164 -0.35 -0.68 -7.37
CA PRO B 164 0.62 -1.64 -7.93
C PRO B 164 -0.02 -2.83 -8.59
N LEU B 165 -1.31 -2.76 -8.92
CA LEU B 165 -2.01 -3.90 -9.53
C LEU B 165 -2.44 -3.66 -10.97
N VAL B 166 -2.33 -4.68 -11.79
CA VAL B 166 -2.92 -4.65 -13.12
C VAL B 166 -4.38 -5.08 -13.00
N ILE B 167 -5.22 -4.09 -12.77
CA ILE B 167 -6.62 -4.31 -12.50
C ILE B 167 -7.32 -5.00 -13.68
N SER B 168 -6.89 -4.71 -14.90
CA SER B 168 -7.51 -5.29 -16.08
C SER B 168 -7.28 -6.80 -16.17
N LYS B 169 -6.31 -7.31 -15.42
CA LYS B 169 -6.09 -8.76 -15.34
C LYS B 169 -6.90 -9.39 -14.22
N LEU B 170 -7.24 -8.62 -13.19
CA LEU B 170 -7.93 -9.17 -12.02
C LEU B 170 -9.45 -9.14 -12.15
N ILE B 171 -9.99 -8.07 -12.74
CA ILE B 171 -11.43 -7.98 -12.90
C ILE B 171 -12.04 -9.17 -13.64
N PRO B 172 -11.42 -9.61 -14.77
CA PRO B 172 -12.01 -10.76 -15.47
C PRO B 172 -12.11 -12.00 -14.59
N HIS B 173 -11.14 -12.23 -13.70
CA HIS B 173 -11.26 -13.37 -12.81
C HIS B 173 -12.47 -13.23 -11.88
N LEU B 174 -12.64 -12.03 -11.31
CA LEU B 174 -13.75 -11.79 -10.41
C LEU B 174 -15.09 -11.94 -11.11
N CYS B 175 -15.17 -11.56 -12.37
CA CYS B 175 -16.44 -11.66 -13.07
C CYS B 175 -16.90 -13.11 -13.20
N ILE B 176 -15.96 -14.01 -13.40
CA ILE B 176 -16.28 -15.43 -13.39
C ILE B 176 -16.80 -15.83 -12.01
N LEU B 177 -16.09 -15.38 -10.97
CA LEU B 177 -16.41 -15.77 -9.60
C LEU B 177 -17.74 -15.22 -9.10
N PHE B 178 -18.24 -14.12 -9.68
CA PHE B 178 -19.57 -13.64 -9.30
C PHE B 178 -20.61 -14.73 -9.54
N GLY B 179 -20.30 -15.64 -10.45
CA GLY B 179 -21.21 -16.72 -10.82
C GLY B 179 -20.75 -18.07 -10.32
N ASP B 180 -19.91 -18.06 -9.28
CA ASP B 180 -19.46 -19.31 -8.66
C ASP B 180 -20.65 -20.05 -8.04
N SER B 181 -20.56 -21.37 -7.99
CA SER B 181 -21.61 -22.18 -7.39
C SER B 181 -21.70 -22.01 -5.86
N ASN B 182 -20.63 -21.49 -5.27
CA ASN B 182 -20.57 -21.35 -3.83
C ASN B 182 -20.78 -19.91 -3.38
N SER B 183 -21.76 -19.69 -2.51
CA SER B 183 -22.12 -18.35 -2.06
C SER B 183 -21.00 -17.61 -1.32
N GLN B 184 -20.16 -18.34 -0.61
CA GLN B 184 -19.05 -17.70 0.09
C GLN B 184 -18.02 -17.18 -0.91
N VAL B 185 -17.79 -17.95 -1.97
CA VAL B 185 -16.91 -17.49 -3.05
C VAL B 185 -17.50 -16.25 -3.73
N ARG B 186 -18.78 -16.30 -4.09
CA ARG B 186 -19.42 -15.13 -4.67
C ARG B 186 -19.31 -13.90 -3.77
N ASP B 187 -19.58 -14.09 -2.48
CA ASP B 187 -19.57 -12.96 -1.56
C ASP B 187 -18.21 -12.30 -1.50
N ALA B 188 -17.16 -13.13 -1.45
CA ALA B 188 -15.81 -12.59 -1.34
C ALA B 188 -15.41 -11.90 -2.64
N ALA B 189 -15.78 -12.46 -3.78
CA ALA B 189 -15.48 -11.83 -5.06
C ALA B 189 -16.16 -10.46 -5.16
N ILE B 190 -17.39 -10.38 -4.67
CA ILE B 190 -18.12 -9.12 -4.64
C ILE B 190 -17.45 -8.11 -3.71
N LEU B 191 -17.06 -8.54 -2.51
CA LEU B 191 -16.30 -7.62 -1.66
C LEU B 191 -15.04 -7.10 -2.35
N ALA B 192 -14.38 -7.97 -3.09
CA ALA B 192 -13.18 -7.56 -3.82
C ALA B 192 -13.50 -6.51 -4.87
N ILE B 193 -14.58 -6.72 -5.64
CA ILE B 193 -14.88 -5.75 -6.70
C ILE B 193 -15.28 -4.40 -6.11
N VAL B 194 -15.95 -4.43 -4.95
CA VAL B 194 -16.27 -3.19 -4.24
C VAL B 194 -15.01 -2.42 -3.86
N GLU B 195 -13.99 -3.13 -3.38
CA GLU B 195 -12.74 -2.47 -3.05
C GLU B 195 -12.03 -1.95 -4.27
N ILE B 196 -12.13 -2.67 -5.38
CA ILE B 196 -11.57 -2.17 -6.64
C ILE B 196 -12.27 -0.87 -7.06
N TYR B 197 -13.59 -0.84 -6.95
CA TYR B 197 -14.32 0.39 -7.24
C TYR B 197 -13.84 1.56 -6.38
N ARG B 198 -13.63 1.29 -5.09
CA ARG B 198 -13.11 2.34 -4.20
C ARG B 198 -11.77 2.89 -4.65
N HIS B 199 -10.84 2.00 -4.94
CA HIS B 199 -9.48 2.43 -5.23
C HIS B 199 -9.28 2.97 -6.62
N VAL B 200 -9.90 2.30 -7.60
CA VAL B 200 -9.70 2.68 -9.00
C VAL B 200 -10.62 3.80 -9.40
N GLY B 201 -11.86 3.76 -8.93
CA GLY B 201 -12.73 4.89 -9.14
C GLY B 201 -13.85 4.58 -10.07
N GLU B 202 -14.55 5.63 -10.47
CA GLU B 202 -15.78 5.50 -11.22
C GLU B 202 -15.66 4.77 -12.54
N LYS B 203 -14.48 4.75 -13.15
CA LYS B 203 -14.26 4.05 -14.41
C LYS B 203 -14.57 2.55 -14.34
N VAL B 204 -14.60 1.99 -13.13
CA VAL B 204 -14.92 0.58 -12.96
C VAL B 204 -16.35 0.23 -13.40
N ARG B 205 -17.27 1.17 -13.29
CA ARG B 205 -18.66 0.86 -13.64
C ARG B 205 -18.82 0.47 -15.11
N MET B 206 -18.30 1.31 -16.00
CA MET B 206 -18.44 1.00 -17.42
C MET B 206 -17.63 -0.22 -17.78
N ASP B 207 -16.48 -0.39 -17.11
CA ASP B 207 -15.67 -1.57 -17.34
C ASP B 207 -16.46 -2.84 -17.08
N LEU B 208 -17.25 -2.85 -16.02
CA LEU B 208 -18.10 -3.99 -15.75
C LEU B 208 -19.29 -4.08 -16.73
N TYR B 209 -19.89 -2.93 -17.02
CA TYR B 209 -21.08 -2.89 -17.87
C TYR B 209 -20.84 -3.56 -19.22
N LYS B 210 -19.63 -3.41 -19.75
CA LYS B 210 -19.40 -3.97 -21.07
C LYS B 210 -19.05 -5.46 -21.08
N ARG B 211 -19.14 -6.12 -19.94
CA ARG B 211 -18.69 -7.51 -19.82
C ARG B 211 -19.81 -8.54 -19.96
N GLY B 212 -21.05 -8.08 -20.03
CA GLY B 212 -22.17 -9.02 -20.12
C GLY B 212 -22.48 -9.71 -18.82
N ILE B 213 -22.33 -9.00 -17.71
CA ILE B 213 -22.75 -9.50 -16.41
C ILE B 213 -24.29 -9.49 -16.40
N PRO B 214 -24.93 -10.57 -15.90
CA PRO B 214 -26.39 -10.62 -15.88
C PRO B 214 -26.96 -9.36 -15.23
N PRO B 215 -27.98 -8.77 -15.85
CA PRO B 215 -28.46 -7.44 -15.43
C PRO B 215 -28.82 -7.33 -13.94
N ALA B 216 -29.50 -8.31 -13.37
CA ALA B 216 -29.85 -8.23 -11.95
C ALA B 216 -28.61 -8.24 -11.05
N ARG B 217 -27.65 -9.10 -11.40
CA ARG B 217 -26.38 -9.17 -10.69
C ARG B 217 -25.63 -7.85 -10.75
N LEU B 218 -25.60 -7.22 -11.92
CA LEU B 218 -24.88 -5.97 -12.03
C LEU B 218 -25.59 -4.87 -11.24
N GLU B 219 -26.92 -4.87 -11.21
CA GLU B 219 -27.64 -3.86 -10.43
C GLU B 219 -27.28 -4.01 -8.95
N MET B 220 -27.19 -5.26 -8.51
CA MET B 220 -26.84 -5.56 -7.13
C MET B 220 -25.44 -5.04 -6.79
N ILE B 221 -24.50 -5.26 -7.71
CA ILE B 221 -23.14 -4.76 -7.51
C ILE B 221 -23.10 -3.24 -7.51
N PHE B 222 -23.79 -2.60 -8.45
CA PHE B 222 -23.78 -1.15 -8.52
C PHE B 222 -24.40 -0.47 -7.29
N ALA B 223 -25.39 -1.12 -6.70
CA ALA B 223 -25.99 -0.58 -5.47
C ALA B 223 -24.97 -0.55 -4.33
N LYS B 224 -24.10 -1.56 -4.28
CA LYS B 224 -23.02 -1.59 -3.29
C LYS B 224 -22.00 -0.48 -3.54
N PHE B 225 -21.69 -0.23 -4.81
CA PHE B 225 -20.84 0.88 -5.17
C PHE B 225 -21.47 2.22 -4.71
N ASP B 226 -22.76 2.38 -4.97
CA ASP B 226 -23.47 3.63 -4.60
C ASP B 226 -23.34 3.93 -3.12
N GLU B 227 -23.41 2.88 -2.33
CA GLU B 227 -23.35 3.04 -0.88
C GLU B 227 -21.99 3.55 -0.41
N VAL B 228 -20.90 3.16 -1.06
CA VAL B 228 -19.58 3.69 -0.68
C VAL B 228 -19.33 5.10 -1.24
N GLN B 229 -19.99 5.44 -2.34
CA GLN B 229 -19.78 6.74 -2.96
C GLN B 229 -20.62 7.82 -2.27
N SER B 230 -21.86 7.45 -1.93
CA SER B 230 -22.81 8.31 -1.25
C SER B 230 -22.63 8.19 0.28
#